data_6GEH
#
_entry.id   6GEH
#
_cell.length_a   38.098
_cell.length_b   77.753
_cell.length_c   44.917
_cell.angle_alpha   90.00
_cell.angle_beta   109.64
_cell.angle_gamma   90.00
#
_symmetry.space_group_name_H-M   'P 1 21 1'
#
loop_
_entity.id
_entity.type
_entity.pdbx_description
1 polymer 'FAD-binding 9, siderophore-interacting domain protein'
2 non-polymer 'MAGNESIUM ION'
3 non-polymer 'DIMETHYL SULFOXIDE'
4 non-polymer 'FORMIC ACID'
5 non-polymer 'SODIUM ION'
6 non-polymer GLYCEROL
7 non-polymer 'FLAVIN-ADENINE DINUCLEOTIDE'
8 water water
#
_entity_poly.entity_id   1
_entity_poly.type   'polypeptide(L)'
_entity_poly.pdbx_seq_one_letter_code
;SPTRLTYISDIIEISPYLRRLVLSGEQLANFPADQQGAYVKVLIPQPGETTVNMTLTGPNAAIKRSYTIREFDPVRGQLS
LDFVINKHTGPATDWAKLANVGDTVAIAGPGPLKMNRFDFNDYLLFGDSTSINAVDALIKRLPATAKGHIIMLVNSHQEQ
ALLSQHPLLKTHWLVLNDSITAEQQIDWLLDKLELFGDLPAVTQVFVGLEATQVRVIKQYLLEQQQLPLSSISATGYWKR
NTDADTFGKQKQMQPL
;
_entity_poly.pdbx_strand_id   A
#
# COMPACT_ATOMS: atom_id res chain seq x y z
N SER A 1 5.54 -19.47 2.93
CA SER A 1 6.40 -18.92 1.89
C SER A 1 7.83 -18.79 2.38
N PRO A 2 8.82 -19.11 1.52
CA PRO A 2 10.21 -19.05 1.98
C PRO A 2 10.67 -17.61 1.98
N THR A 3 11.43 -17.22 3.00
CA THR A 3 12.09 -15.94 2.99
C THR A 3 13.12 -15.96 1.86
N ARG A 4 13.18 -14.86 1.11
N ARG A 4 13.16 -14.88 1.08
CA ARG A 4 14.01 -14.74 -0.10
CA ARG A 4 14.06 -14.78 -0.07
C ARG A 4 15.07 -13.66 0.07
C ARG A 4 15.12 -13.75 0.22
N LEU A 5 16.32 -13.96 -0.34
CA LEU A 5 17.40 -12.97 -0.30
C LEU A 5 17.48 -12.34 -1.68
N THR A 6 17.32 -11.02 -1.74
CA THR A 6 17.36 -10.26 -2.96
C THR A 6 18.46 -9.21 -2.87
N TYR A 7 18.77 -8.56 -3.98
N TYR A 7 18.74 -8.58 -4.02
CA TYR A 7 19.65 -7.41 -3.91
CA TYR A 7 19.72 -7.53 -4.17
C TYR A 7 19.10 -6.26 -4.70
C TYR A 7 19.02 -6.26 -4.70
N ILE A 8 19.41 -5.07 -4.22
CA ILE A 8 18.91 -3.86 -4.84
C ILE A 8 19.67 -3.65 -6.15
N SER A 9 18.96 -3.67 -7.26
CA SER A 9 19.59 -3.43 -8.56
C SER A 9 19.37 -2.00 -9.05
N ASP A 10 18.38 -1.28 -8.54
CA ASP A 10 18.21 0.12 -8.91
C ASP A 10 17.40 0.84 -7.86
N ILE A 11 17.57 2.15 -7.82
CA ILE A 11 16.81 3.03 -6.96
C ILE A 11 16.43 4.27 -7.74
N ILE A 12 15.17 4.68 -7.66
CA ILE A 12 14.69 5.85 -8.37
C ILE A 12 13.80 6.66 -7.47
N GLU A 13 14.03 7.97 -7.40
N GLU A 13 14.04 7.96 -7.39
CA GLU A 13 13.14 8.86 -6.64
CA GLU A 13 13.11 8.84 -6.71
C GLU A 13 11.91 9.23 -7.48
C GLU A 13 11.90 9.05 -7.59
N ILE A 14 10.73 8.78 -7.04
CA ILE A 14 9.48 9.01 -7.74
C ILE A 14 8.94 10.39 -7.43
N SER A 15 9.14 10.81 -6.18
CA SER A 15 8.75 12.15 -5.74
C SER A 15 9.68 12.49 -4.60
N PRO A 16 9.58 13.71 -4.08
CA PRO A 16 10.42 14.04 -2.92
C PRO A 16 10.07 13.22 -1.66
N TYR A 17 8.98 12.45 -1.71
CA TYR A 17 8.53 11.66 -0.57
C TYR A 17 8.35 10.18 -0.90
N LEU A 18 8.89 9.70 -2.02
CA LEU A 18 8.61 8.32 -2.44
C LEU A 18 9.84 7.80 -3.20
N ARG A 19 10.43 6.71 -2.69
CA ARG A 19 11.64 6.13 -3.24
C ARG A 19 11.35 4.72 -3.68
N ARG A 20 11.58 4.44 -4.98
CA ARG A 20 11.39 3.12 -5.54
C ARG A 20 12.67 2.32 -5.47
N LEU A 21 12.57 1.13 -4.87
N LEU A 21 12.60 1.15 -4.83
CA LEU A 21 13.65 0.16 -4.87
CA LEU A 21 13.69 0.18 -4.87
C LEU A 21 13.32 -0.97 -5.79
C LEU A 21 13.32 -0.95 -5.80
N VAL A 22 14.25 -1.31 -6.66
CA VAL A 22 14.10 -2.44 -7.55
C VAL A 22 14.98 -3.58 -7.03
N LEU A 23 14.36 -4.71 -6.72
CA LEU A 23 15.05 -5.87 -6.19
C LEU A 23 15.20 -6.92 -7.26
N SER A 24 16.38 -7.55 -7.25
N SER A 24 16.33 -7.62 -7.22
CA SER A 24 16.75 -8.56 -8.24
CA SER A 24 16.61 -8.63 -8.21
C SER A 24 17.35 -9.77 -7.56
C SER A 24 17.22 -9.83 -7.52
N GLY A 25 17.53 -10.84 -8.32
CA GLY A 25 18.25 -11.99 -7.83
C GLY A 25 17.64 -13.29 -8.24
N GLU A 26 18.45 -14.33 -8.24
N GLU A 26 18.44 -14.34 -8.24
CA GLU A 26 17.97 -15.66 -8.58
CA GLU A 26 17.94 -15.65 -8.62
C GLU A 26 16.78 -16.06 -7.74
C GLU A 26 16.83 -16.15 -7.71
N GLN A 27 16.77 -15.65 -6.47
CA GLN A 27 15.72 -16.04 -5.54
C GLN A 27 14.36 -15.49 -5.92
N LEU A 28 14.32 -14.52 -6.82
CA LEU A 28 13.04 -14.03 -7.32
C LEU A 28 12.55 -14.74 -8.57
N ALA A 29 13.34 -15.66 -9.11
CA ALA A 29 12.99 -16.28 -10.38
C ALA A 29 11.66 -16.98 -10.31
N ASN A 30 11.36 -17.59 -9.16
CA ASN A 30 10.08 -18.29 -9.00
C ASN A 30 9.08 -17.52 -8.11
N PHE A 31 9.26 -16.22 -8.00
CA PHE A 31 8.31 -15.40 -7.26
C PHE A 31 6.96 -15.47 -7.96
N PRO A 32 5.86 -15.51 -7.20
CA PRO A 32 4.54 -15.63 -7.87
C PRO A 32 4.27 -14.47 -8.84
N ALA A 33 3.70 -14.73 -10.02
CA ALA A 33 3.61 -13.69 -11.05
C ALA A 33 2.28 -12.91 -11.06
N ASP A 34 1.37 -13.24 -10.14
CA ASP A 34 0.03 -12.69 -10.13
C ASP A 34 -0.29 -11.85 -8.89
N GLN A 35 0.73 -11.23 -8.27
CA GLN A 35 0.57 -10.62 -6.95
C GLN A 35 0.79 -9.09 -6.88
N GLN A 36 0.62 -8.42 -8.01
N GLN A 36 0.68 -8.38 -8.00
CA GLN A 36 0.60 -6.96 -8.02
CA GLN A 36 0.85 -6.94 -7.92
C GLN A 36 -0.38 -6.44 -6.96
C GLN A 36 -0.31 -6.32 -7.11
N GLY A 37 0.04 -5.48 -6.14
CA GLY A 37 -0.85 -4.92 -5.12
C GLY A 37 -0.87 -5.71 -3.82
N ALA A 38 -0.35 -6.94 -3.84
CA ALA A 38 -0.14 -7.71 -2.60
C ALA A 38 1.04 -7.09 -1.85
N TYR A 39 1.24 -7.51 -0.61
CA TYR A 39 2.35 -7.01 0.16
C TYR A 39 3.35 -8.10 0.47
N VAL A 40 4.59 -7.65 0.70
CA VAL A 40 5.63 -8.47 1.28
C VAL A 40 6.09 -7.86 2.59
N LYS A 41 6.67 -8.71 3.44
N LYS A 41 6.71 -8.70 3.42
CA LYS A 41 7.35 -8.23 4.64
CA LYS A 41 7.33 -8.24 4.66
C LYS A 41 8.83 -8.06 4.32
C LYS A 41 8.85 -8.10 4.48
N VAL A 42 9.32 -6.85 4.54
CA VAL A 42 10.73 -6.56 4.33
C VAL A 42 11.44 -6.60 5.68
N LEU A 43 12.50 -7.40 5.78
CA LEU A 43 13.30 -7.44 6.98
C LEU A 43 14.25 -6.24 6.96
N ILE A 44 14.30 -5.51 8.06
CA ILE A 44 15.09 -4.30 8.17
C ILE A 44 16.20 -4.54 9.17
N PRO A 45 17.46 -4.29 8.80
CA PRO A 45 18.53 -4.48 9.78
C PRO A 45 18.49 -3.43 10.89
N GLN A 46 19.15 -3.72 12.01
N GLN A 46 19.15 -3.72 12.01
CA GLN A 46 19.32 -2.71 13.04
CA GLN A 46 19.34 -2.70 13.03
C GLN A 46 20.06 -1.51 12.45
C GLN A 46 20.03 -1.50 12.39
N PRO A 47 19.74 -0.29 12.90
CA PRO A 47 20.39 0.92 12.35
C PRO A 47 21.92 0.80 12.34
N GLY A 48 22.51 1.05 11.19
CA GLY A 48 23.95 1.02 11.05
C GLY A 48 24.50 -0.39 10.84
N GLU A 49 23.62 -1.39 10.84
CA GLU A 49 24.00 -2.75 10.49
C GLU A 49 23.44 -3.07 9.12
N THR A 50 23.94 -4.14 8.52
CA THR A 50 23.48 -4.53 7.20
C THR A 50 22.90 -5.94 7.15
N THR A 51 23.16 -6.77 8.16
CA THR A 51 22.74 -8.16 8.11
C THR A 51 21.42 -8.37 8.83
N VAL A 52 20.71 -9.42 8.44
CA VAL A 52 19.56 -9.91 9.18
C VAL A 52 19.66 -11.44 9.23
N ASN A 53 19.00 -12.05 10.19
CA ASN A 53 19.00 -13.50 10.31
C ASN A 53 17.57 -14.04 10.29
N MET A 54 17.42 -15.34 10.45
CA MET A 54 16.12 -16.02 10.36
C MET A 54 15.44 -16.19 11.72
N THR A 55 15.99 -15.61 12.78
CA THR A 55 15.39 -15.72 14.10
C THR A 55 13.98 -15.11 14.08
N LEU A 56 13.03 -15.78 14.73
CA LEU A 56 11.63 -15.36 14.67
C LEU A 56 11.26 -14.32 15.70
N THR A 57 11.76 -14.47 16.91
CA THR A 57 11.33 -13.63 18.03
C THR A 57 12.53 -13.31 18.91
N GLY A 58 12.35 -12.33 19.79
CA GLY A 58 13.39 -11.99 20.73
C GLY A 58 14.34 -10.95 20.16
N PRO A 59 15.35 -10.59 20.94
CA PRO A 59 16.19 -9.44 20.61
C PRO A 59 17.00 -9.57 19.33
N ASN A 60 17.18 -10.78 18.85
CA ASN A 60 17.96 -10.96 17.63
C ASN A 60 17.16 -11.13 16.35
N ALA A 61 15.84 -11.10 16.45
CA ALA A 61 14.98 -11.11 15.27
C ALA A 61 15.00 -9.74 14.57
N ALA A 62 14.92 -9.77 13.25
CA ALA A 62 14.88 -8.55 12.48
C ALA A 62 13.51 -7.88 12.56
N ILE A 63 13.52 -6.56 12.61
CA ILE A 63 12.33 -5.75 12.36
C ILE A 63 11.74 -6.11 11.00
N LYS A 64 10.42 -6.16 10.91
N LYS A 64 10.41 -6.17 10.92
CA LYS A 64 9.72 -6.43 9.64
CA LYS A 64 9.69 -6.45 9.67
C LYS A 64 8.65 -5.37 9.42
C LYS A 64 8.64 -5.38 9.42
N ARG A 65 8.49 -4.98 8.16
CA ARG A 65 7.49 -4.00 7.78
C ARG A 65 6.87 -4.38 6.43
N SER A 66 5.61 -4.03 6.24
CA SER A 66 4.87 -4.38 5.02
C SER A 66 4.99 -3.32 3.93
N TYR A 67 5.31 -3.78 2.71
CA TYR A 67 5.40 -2.93 1.54
C TYR A 67 4.70 -3.60 0.37
N THR A 68 4.12 -2.79 -0.50
CA THR A 68 3.29 -3.26 -1.62
C THR A 68 4.11 -3.52 -2.87
N ILE A 69 3.83 -4.64 -3.53
CA ILE A 69 4.43 -4.92 -4.81
C ILE A 69 3.90 -3.95 -5.87
N ARG A 70 4.81 -3.10 -6.37
N ARG A 70 4.73 -3.05 -6.38
CA ARG A 70 4.52 -2.15 -7.44
CA ARG A 70 4.24 -2.26 -7.51
C ARG A 70 4.51 -2.83 -8.80
C ARG A 70 4.33 -3.09 -8.77
N GLU A 71 5.49 -3.70 -9.01
CA GLU A 71 5.66 -4.44 -10.24
C GLU A 71 6.50 -5.66 -9.97
N PHE A 72 6.09 -6.79 -10.55
CA PHE A 72 6.95 -7.93 -10.64
C PHE A 72 6.89 -8.36 -12.05
N ASP A 73 8.04 -8.23 -12.66
N ASP A 73 7.99 -8.19 -12.77
CA ASP A 73 8.22 -8.57 -14.06
CA ASP A 73 8.05 -8.57 -14.18
C ASP A 73 8.77 -10.00 -14.08
C ASP A 73 8.74 -9.93 -14.30
N PRO A 74 7.96 -11.00 -14.54
CA PRO A 74 8.49 -12.38 -14.53
C PRO A 74 9.48 -12.64 -15.63
N VAL A 75 9.41 -11.89 -16.72
CA VAL A 75 10.41 -12.00 -17.78
C VAL A 75 11.74 -11.58 -17.18
N ARG A 76 11.73 -10.54 -16.36
N ARG A 76 11.68 -10.56 -16.33
CA ARG A 76 12.97 -9.97 -15.86
CA ARG A 76 12.83 -9.86 -15.82
C ARG A 76 13.30 -10.41 -14.42
C ARG A 76 13.26 -10.36 -14.44
N GLY A 77 12.33 -10.96 -13.71
CA GLY A 77 12.55 -11.34 -12.33
C GLY A 77 12.91 -10.21 -11.38
N GLN A 78 12.26 -9.07 -11.55
CA GLN A 78 12.58 -7.91 -10.74
C GLN A 78 11.35 -7.45 -10.01
N LEU A 79 11.51 -7.11 -8.75
N LEU A 79 11.50 -7.14 -8.73
CA LEU A 79 10.42 -6.68 -7.90
CA LEU A 79 10.38 -6.79 -7.88
C LEU A 79 10.62 -5.22 -7.51
C LEU A 79 10.60 -5.37 -7.36
N SER A 80 9.61 -4.38 -7.72
N SER A 80 9.71 -4.45 -7.71
CA SER A 80 9.68 -2.97 -7.36
CA SER A 80 9.83 -3.07 -7.24
C SER A 80 8.77 -2.70 -6.16
C SER A 80 8.85 -2.78 -6.10
N LEU A 81 9.30 -1.93 -5.20
CA LEU A 81 8.56 -1.48 -4.03
C LEU A 81 8.77 0.03 -3.87
N ASP A 82 7.71 0.78 -3.55
CA ASP A 82 7.76 2.23 -3.38
C ASP A 82 7.60 2.57 -1.90
N PHE A 83 8.69 3.08 -1.32
CA PHE A 83 8.76 3.42 0.09
C PHE A 83 8.49 4.90 0.30
N VAL A 84 7.52 5.24 1.14
CA VAL A 84 7.40 6.62 1.58
C VAL A 84 8.65 7.00 2.37
N ILE A 85 9.18 8.17 2.07
CA ILE A 85 10.33 8.75 2.76
C ILE A 85 10.04 10.22 3.08
N ASN A 86 10.76 10.76 4.07
CA ASN A 86 10.72 12.18 4.39
C ASN A 86 9.40 12.68 4.95
N LYS A 87 8.56 11.76 5.44
CA LYS A 87 7.30 12.13 6.09
C LYS A 87 7.24 11.66 7.54
N HIS A 88 8.13 10.76 7.92
CA HIS A 88 8.15 10.21 9.28
C HIS A 88 9.52 9.62 9.58
N THR A 89 9.72 9.20 10.84
CA THR A 89 10.93 8.52 11.27
C THR A 89 10.58 7.12 11.77
N GLY A 90 11.27 6.10 11.27
CA GLY A 90 11.07 4.74 11.73
C GLY A 90 12.07 3.85 11.03
N PRO A 91 12.21 2.60 11.49
CA PRO A 91 13.30 1.80 10.94
C PRO A 91 13.23 1.59 9.42
N ALA A 92 12.06 1.29 8.86
CA ALA A 92 12.02 1.01 7.43
C ALA A 92 12.21 2.25 6.57
N THR A 93 11.52 3.34 6.90
CA THR A 93 11.65 4.54 6.08
C THR A 93 13.08 5.07 6.16
N ASP A 94 13.68 5.00 7.34
CA ASP A 94 15.04 5.50 7.53
C ASP A 94 16.00 4.67 6.71
N TRP A 95 15.83 3.35 6.76
CA TRP A 95 16.67 2.42 6.02
C TRP A 95 16.50 2.65 4.53
N ALA A 96 15.27 2.78 4.07
CA ALA A 96 15.02 2.96 2.65
C ALA A 96 15.65 4.23 2.08
N LYS A 97 15.64 5.31 2.85
N LYS A 97 15.61 5.30 2.86
CA LYS A 97 16.19 6.56 2.35
CA LYS A 97 16.18 6.55 2.39
C LYS A 97 17.71 6.47 2.14
C LYS A 97 17.68 6.45 2.14
N LEU A 98 18.37 5.58 2.89
CA LEU A 98 19.82 5.46 2.83
C LEU A 98 20.31 4.22 2.06
N ALA A 99 19.40 3.39 1.56
CA ALA A 99 19.78 2.17 0.85
C ALA A 99 20.54 2.48 -0.42
N ASN A 100 21.39 1.54 -0.83
N ASN A 100 21.38 1.55 -0.85
CA ASN A 100 22.23 1.68 -2.00
CA ASN A 100 22.19 1.74 -2.04
C ASN A 100 22.09 0.48 -2.92
C ASN A 100 22.15 0.49 -2.91
N VAL A 101 22.38 0.69 -4.20
CA VAL A 101 22.44 -0.42 -5.14
C VAL A 101 23.48 -1.40 -4.64
N GLY A 102 23.15 -2.68 -4.70
CA GLY A 102 24.04 -3.74 -4.27
C GLY A 102 23.76 -4.19 -2.84
N ASP A 103 23.02 -3.41 -2.07
CA ASP A 103 22.65 -3.86 -0.74
C ASP A 103 21.75 -5.08 -0.89
N THR A 104 21.78 -5.99 0.08
CA THR A 104 20.89 -7.14 0.06
C THR A 104 19.66 -6.85 0.93
N VAL A 105 18.55 -7.48 0.58
CA VAL A 105 17.28 -7.27 1.25
C VAL A 105 16.56 -8.61 1.32
N ALA A 106 16.22 -9.04 2.52
CA ALA A 106 15.46 -10.27 2.70
C ALA A 106 13.98 -9.91 2.77
N ILE A 107 13.16 -10.68 2.06
CA ILE A 107 11.73 -10.46 2.06
C ILE A 107 10.98 -11.75 2.28
N ALA A 108 9.80 -11.62 2.86
CA ALA A 108 8.92 -12.75 3.10
C ALA A 108 7.55 -12.44 2.54
N GLY A 109 6.81 -13.47 2.17
CA GLY A 109 5.49 -13.28 1.62
C GLY A 109 5.46 -13.72 0.17
N PRO A 110 4.49 -13.23 -0.63
CA PRO A 110 3.51 -12.23 -0.25
C PRO A 110 2.48 -12.71 0.74
N GLY A 111 1.87 -11.76 1.44
CA GLY A 111 0.82 -12.06 2.37
C GLY A 111 -0.49 -12.23 1.61
N PRO A 112 -1.52 -12.75 2.30
CA PRO A 112 -2.86 -12.94 1.72
C PRO A 112 -3.40 -11.67 1.11
N LEU A 113 -3.88 -11.76 -0.13
N LEU A 113 -3.91 -11.78 -0.11
CA LEU A 113 -4.44 -10.59 -0.80
CA LEU A 113 -4.43 -10.62 -0.82
C LEU A 113 -5.81 -10.26 -0.22
C LEU A 113 -5.81 -10.24 -0.27
N LYS A 114 -5.95 -9.03 0.27
CA LYS A 114 -7.25 -8.52 0.70
C LYS A 114 -7.64 -7.39 -0.24
N MET A 115 -8.56 -7.67 -1.15
N MET A 115 -8.56 -7.70 -1.14
CA MET A 115 -8.89 -6.73 -2.22
CA MET A 115 -8.95 -6.76 -2.16
C MET A 115 -10.26 -7.06 -2.80
C MET A 115 -10.35 -7.03 -2.63
N ASN A 116 -10.91 -6.04 -3.31
CA ASN A 116 -12.24 -6.18 -3.84
C ASN A 116 -12.33 -7.08 -5.04
N ARG A 117 -13.55 -7.53 -5.28
CA ARG A 117 -13.88 -8.23 -6.50
C ARG A 117 -13.70 -7.31 -7.71
N PHE A 118 -13.44 -7.92 -8.86
CA PHE A 118 -13.08 -7.21 -10.09
C PHE A 118 -14.24 -7.19 -11.08
N ASP A 119 -15.38 -7.80 -10.74
CA ASP A 119 -16.43 -8.08 -11.72
C ASP A 119 -17.65 -7.17 -11.65
N PHE A 120 -17.63 -6.19 -10.75
CA PHE A 120 -18.75 -5.27 -10.64
C PHE A 120 -18.48 -4.03 -11.49
N ASN A 121 -19.40 -3.08 -11.43
CA ASN A 121 -19.32 -1.88 -12.26
C ASN A 121 -19.55 -0.58 -11.52
N ASP A 122 -19.39 -0.64 -10.20
CA ASP A 122 -19.56 0.52 -9.34
C ASP A 122 -18.55 0.42 -8.21
N TYR A 123 -17.62 1.38 -8.17
CA TYR A 123 -16.49 1.35 -7.24
C TYR A 123 -16.16 2.72 -6.67
N LEU A 124 -15.79 2.71 -5.39
CA LEU A 124 -15.04 3.80 -4.77
C LEU A 124 -13.73 3.22 -4.30
N LEU A 125 -12.64 3.87 -4.69
N LEU A 125 -12.61 3.85 -4.66
CA LEU A 125 -11.31 3.47 -4.25
CA LEU A 125 -11.29 3.38 -4.25
C LEU A 125 -10.71 4.60 -3.45
C LEU A 125 -10.59 4.51 -3.51
N PHE A 126 -10.34 4.31 -2.20
CA PHE A 126 -9.71 5.30 -1.34
C PHE A 126 -8.30 4.83 -0.99
N GLY A 127 -7.32 5.69 -1.21
CA GLY A 127 -5.96 5.34 -0.84
C GLY A 127 -5.08 6.52 -0.56
N ASP A 128 -3.83 6.22 -0.26
CA ASP A 128 -2.84 7.24 0.02
C ASP A 128 -1.48 6.74 -0.49
N SER A 129 -0.41 7.46 -0.22
CA SER A 129 0.89 7.08 -0.78
C SER A 129 1.36 5.70 -0.33
N THR A 130 0.86 5.21 0.81
CA THR A 130 1.22 3.86 1.26
C THR A 130 0.48 2.76 0.51
N SER A 131 -0.72 3.07 0.04
CA SER A 131 -1.55 2.07 -0.62
C SER A 131 -1.76 2.31 -2.11
N ILE A 132 -1.09 3.32 -2.66
CA ILE A 132 -1.32 3.72 -4.06
C ILE A 132 -1.08 2.57 -5.04
N ASN A 133 -0.13 1.70 -4.74
CA ASN A 133 0.14 0.59 -5.65
C ASN A 133 -0.86 -0.53 -5.56
N ALA A 134 -1.56 -0.62 -4.44
CA ALA A 134 -2.72 -1.52 -4.34
C ALA A 134 -3.91 -0.93 -5.10
N VAL A 135 -4.11 0.38 -5.01
CA VAL A 135 -5.14 1.04 -5.80
C VAL A 135 -4.89 0.85 -7.31
N ASP A 136 -3.66 1.07 -7.73
CA ASP A 136 -3.32 0.88 -9.14
C ASP A 136 -3.58 -0.54 -9.59
N ALA A 137 -3.18 -1.51 -8.78
CA ALA A 137 -3.37 -2.90 -9.14
C ALA A 137 -4.85 -3.21 -9.36
N LEU A 138 -5.69 -2.68 -8.48
CA LEU A 138 -7.12 -2.89 -8.58
C LEU A 138 -7.69 -2.20 -9.82
N ILE A 139 -7.32 -0.95 -10.07
CA ILE A 139 -7.84 -0.24 -11.24
C ILE A 139 -7.60 -1.03 -12.52
N LYS A 140 -6.40 -1.59 -12.65
N LYS A 140 -6.39 -1.59 -12.64
CA LYS A 140 -6.02 -2.30 -13.86
CA LYS A 140 -5.98 -2.31 -13.83
C LYS A 140 -6.76 -3.62 -14.09
C LYS A 140 -6.83 -3.54 -14.11
N ARG A 141 -7.51 -4.06 -13.09
CA ARG A 141 -8.33 -5.27 -13.23
C ARG A 141 -9.82 -4.99 -13.39
N LEU A 142 -10.28 -3.76 -13.20
CA LEU A 142 -11.70 -3.48 -13.27
C LEU A 142 -12.19 -3.44 -14.72
N PRO A 143 -13.48 -3.72 -14.95
CA PRO A 143 -13.99 -3.61 -16.31
C PRO A 143 -13.89 -2.16 -16.80
N ALA A 144 -13.74 -2.00 -18.12
CA ALA A 144 -13.71 -0.67 -18.71
C ALA A 144 -15.00 0.10 -18.46
N THR A 145 -16.08 -0.64 -18.18
CA THR A 145 -17.40 -0.06 -17.96
C THR A 145 -17.60 0.37 -16.50
N ALA A 146 -16.63 0.12 -15.62
CA ALA A 146 -16.78 0.45 -14.20
C ALA A 146 -16.89 1.94 -13.95
N LYS A 147 -17.92 2.34 -13.21
CA LYS A 147 -18.17 3.75 -12.87
C LYS A 147 -17.85 3.98 -11.40
N GLY A 148 -17.55 5.22 -11.07
CA GLY A 148 -17.32 5.59 -9.69
C GLY A 148 -16.17 6.57 -9.56
N HIS A 149 -15.45 6.45 -8.45
CA HIS A 149 -14.50 7.46 -8.03
C HIS A 149 -13.25 6.84 -7.41
N ILE A 150 -12.14 7.51 -7.62
CA ILE A 150 -10.87 7.23 -7.01
C ILE A 150 -10.54 8.45 -6.19
N ILE A 151 -10.23 8.24 -4.91
CA ILE A 151 -10.05 9.30 -3.94
C ILE A 151 -8.72 9.06 -3.24
N MET A 152 -7.76 9.95 -3.46
CA MET A 152 -6.38 9.73 -3.08
C MET A 152 -5.78 10.90 -2.31
N LEU A 153 -5.08 10.57 -1.24
CA LEU A 153 -4.21 11.50 -0.53
C LEU A 153 -2.77 11.18 -0.88
N VAL A 154 -2.08 12.12 -1.52
CA VAL A 154 -0.69 11.87 -1.95
C VAL A 154 0.22 12.94 -1.36
N ASN A 155 1.51 12.70 -1.38
CA ASN A 155 2.46 13.63 -0.82
C ASN A 155 3.06 14.58 -1.85
N SER A 156 2.77 14.34 -3.13
CA SER A 156 3.30 15.12 -4.24
C SER A 156 2.46 14.87 -5.48
N HIS A 157 2.26 15.91 -6.29
N HIS A 157 2.26 15.89 -6.30
CA HIS A 157 1.59 15.75 -7.59
CA HIS A 157 1.57 15.70 -7.56
C HIS A 157 2.28 14.69 -8.45
C HIS A 157 2.27 14.66 -8.44
N GLN A 158 3.58 14.52 -8.27
CA GLN A 158 4.33 13.56 -9.07
C GLN A 158 3.86 12.12 -8.85
N GLU A 159 3.24 11.85 -7.70
CA GLU A 159 2.79 10.51 -7.38
C GLU A 159 1.51 10.15 -8.13
N GLN A 160 0.82 11.15 -8.66
CA GLN A 160 -0.44 10.89 -9.35
C GLN A 160 -0.27 9.98 -10.56
N ALA A 161 0.89 10.05 -11.20
CA ALA A 161 1.18 9.23 -12.37
C ALA A 161 1.23 7.73 -12.07
N LEU A 162 1.26 7.35 -10.80
CA LEU A 162 1.32 5.93 -10.44
CA LEU A 162 1.30 5.94 -10.42
C LEU A 162 0.00 5.19 -10.68
N LEU A 163 -1.11 5.92 -10.83
CA LEU A 163 -2.38 5.27 -11.13
C LEU A 163 -2.65 5.16 -12.62
N SER A 164 -3.03 3.95 -13.03
CA SER A 164 -3.52 3.69 -14.38
C SER A 164 -4.69 4.57 -14.72
N GLN A 165 -4.75 5.00 -15.98
CA GLN A 165 -5.96 5.56 -16.51
C GLN A 165 -7.11 4.56 -16.40
N HIS A 166 -8.32 5.09 -16.42
CA HIS A 166 -9.51 4.26 -16.54
C HIS A 166 -10.55 5.13 -17.26
N PRO A 167 -11.36 4.55 -18.17
CA PRO A 167 -12.27 5.41 -18.95
C PRO A 167 -13.31 6.18 -18.15
N LEU A 168 -13.80 5.59 -17.06
CA LEU A 168 -14.95 6.16 -16.37
C LEU A 168 -14.69 6.57 -14.92
N LEU A 169 -13.76 5.92 -14.22
CA LEU A 169 -13.55 6.26 -12.82
C LEU A 169 -13.00 7.68 -12.69
N LYS A 170 -13.64 8.52 -11.89
CA LYS A 170 -13.22 9.92 -11.75
CA LYS A 170 -13.23 9.92 -11.75
C LYS A 170 -12.25 10.05 -10.59
N THR A 171 -11.15 10.76 -10.82
CA THR A 171 -10.15 10.93 -9.78
C THR A 171 -10.35 12.22 -8.98
N HIS A 172 -9.96 12.13 -7.72
CA HIS A 172 -10.01 13.22 -6.76
C HIS A 172 -8.74 13.11 -5.95
N TRP A 173 -7.96 14.19 -5.93
CA TRP A 173 -6.66 14.18 -5.29
C TRP A 173 -6.56 15.26 -4.25
N LEU A 174 -5.92 14.94 -3.13
CA LEU A 174 -5.50 15.96 -2.18
C LEU A 174 -4.00 15.78 -1.97
N VAL A 175 -3.24 16.79 -2.35
CA VAL A 175 -1.80 16.75 -2.17
C VAL A 175 -1.51 17.31 -0.80
N LEU A 176 -1.05 16.47 0.09
CA LEU A 176 -0.80 16.82 1.47
C LEU A 176 0.41 17.72 1.65
N ASN A 177 0.36 18.51 2.70
CA ASN A 177 1.52 19.25 3.16
C ASN A 177 1.25 19.47 4.64
N ASP A 178 2.22 20.04 5.35
CA ASP A 178 2.16 20.13 6.80
C ASP A 178 1.06 21.05 7.32
N SER A 179 0.47 21.89 6.48
CA SER A 179 -0.61 22.78 6.91
C SER A 179 -1.98 22.09 6.89
N ILE A 180 -2.08 20.90 6.29
CA ILE A 180 -3.36 20.19 6.21
C ILE A 180 -3.45 19.21 7.36
N THR A 181 -4.28 19.54 8.34
CA THR A 181 -4.37 18.76 9.57
C THR A 181 -5.07 17.43 9.33
N ALA A 182 -4.89 16.50 10.26
CA ALA A 182 -5.61 15.23 10.21
C ALA A 182 -7.12 15.47 10.13
N GLU A 183 -7.62 16.44 10.87
CA GLU A 183 -9.05 16.74 10.83
C GLU A 183 -9.48 17.25 9.47
N GLN A 184 -8.65 18.09 8.85
CA GLN A 184 -8.99 18.63 7.54
C GLN A 184 -8.94 17.55 6.47
N GLN A 185 -8.06 16.58 6.64
CA GLN A 185 -7.99 15.45 5.71
C GLN A 185 -9.28 14.64 5.78
N ILE A 186 -9.76 14.38 7.01
CA ILE A 186 -10.99 13.65 7.21
C ILE A 186 -12.14 14.47 6.67
N ASP A 187 -12.14 15.79 6.92
CA ASP A 187 -13.20 16.62 6.39
CA ASP A 187 -13.19 16.66 6.37
C ASP A 187 -13.24 16.56 4.86
N TRP A 188 -12.06 16.56 4.23
CA TRP A 188 -11.98 16.50 2.77
C TRP A 188 -12.54 15.16 2.28
N LEU A 189 -12.14 14.07 2.93
CA LEU A 189 -12.62 12.74 2.56
C LEU A 189 -14.14 12.64 2.71
N LEU A 190 -14.67 13.16 3.82
CA LEU A 190 -16.10 13.11 4.05
C LEU A 190 -16.84 14.05 3.11
N ASP A 191 -16.23 15.19 2.79
CA ASP A 191 -16.80 16.09 1.81
C ASP A 191 -16.95 15.42 0.45
N LYS A 192 -15.93 14.67 0.03
CA LYS A 192 -16.03 13.93 -1.22
C LYS A 192 -17.15 12.89 -1.14
N LEU A 193 -17.22 12.14 -0.05
CA LEU A 193 -18.26 11.13 0.12
C LEU A 193 -19.65 11.76 -0.02
N GLU A 194 -19.85 12.90 0.62
CA GLU A 194 -21.17 13.51 0.60
C GLU A 194 -21.51 13.98 -0.83
N LEU A 195 -20.49 14.41 -1.56
CA LEU A 195 -20.66 14.89 -2.92
C LEU A 195 -21.09 13.77 -3.88
N PHE A 196 -20.75 12.53 -3.52
CA PHE A 196 -21.20 11.38 -4.29
C PHE A 196 -22.67 11.05 -4.01
N GLY A 197 -23.25 11.65 -2.96
CA GLY A 197 -24.66 11.46 -2.64
C GLY A 197 -25.02 10.02 -2.34
N ASP A 198 -26.23 9.63 -2.70
CA ASP A 198 -26.66 8.26 -2.51
C ASP A 198 -25.90 7.34 -3.44
N LEU A 199 -25.16 6.40 -2.87
CA LEU A 199 -24.36 5.49 -3.66
C LEU A 199 -25.22 4.36 -4.20
N PRO A 200 -24.93 3.92 -5.44
CA PRO A 200 -25.57 2.69 -5.89
C PRO A 200 -25.41 1.58 -4.86
N ALA A 201 -26.47 0.81 -4.63
CA ALA A 201 -26.47 -0.20 -3.58
C ALA A 201 -25.42 -1.29 -3.81
N VAL A 202 -25.03 -1.48 -5.06
CA VAL A 202 -24.04 -2.51 -5.41
C VAL A 202 -22.59 -2.01 -5.38
N THR A 203 -22.37 -0.77 -4.96
CA THR A 203 -21.02 -0.19 -4.94
C THR A 203 -20.04 -1.02 -4.11
N GLN A 204 -18.89 -1.31 -4.68
CA GLN A 204 -17.79 -1.96 -3.98
C GLN A 204 -16.77 -0.91 -3.59
N VAL A 205 -16.16 -1.05 -2.41
CA VAL A 205 -15.26 -0.02 -1.89
C VAL A 205 -13.96 -0.61 -1.41
N PHE A 206 -12.84 -0.06 -1.88
CA PHE A 206 -11.53 -0.30 -1.32
C PHE A 206 -11.16 0.86 -0.41
N VAL A 207 -10.64 0.56 0.76
CA VAL A 207 -10.03 1.60 1.60
C VAL A 207 -8.68 1.10 2.09
N GLY A 208 -7.65 1.87 1.79
CA GLY A 208 -6.32 1.59 2.30
C GLY A 208 -5.75 2.90 2.78
N LEU A 209 -5.96 3.18 4.06
CA LEU A 209 -5.69 4.51 4.60
C LEU A 209 -5.18 4.44 6.02
N GLU A 210 -4.94 5.60 6.60
CA GLU A 210 -4.58 5.68 8.01
C GLU A 210 -5.75 5.15 8.85
N ALA A 211 -5.45 4.53 9.99
CA ALA A 211 -6.46 3.80 10.78
C ALA A 211 -7.75 4.59 11.09
N THR A 212 -7.65 5.84 11.52
CA THR A 212 -8.86 6.59 11.85
C THR A 212 -9.61 6.98 10.60
N GLN A 213 -8.89 7.28 9.52
CA GLN A 213 -9.54 7.52 8.24
C GLN A 213 -10.36 6.31 7.83
N VAL A 214 -9.78 5.13 7.99
CA VAL A 214 -10.51 3.90 7.68
C VAL A 214 -11.79 3.78 8.52
N ARG A 215 -11.65 4.02 9.82
N ARG A 215 -11.67 4.00 9.82
CA ARG A 215 -12.77 3.94 10.74
CA ARG A 215 -12.85 3.89 10.69
C ARG A 215 -13.93 4.82 10.29
C ARG A 215 -13.95 4.82 10.23
N VAL A 216 -13.62 6.09 10.00
CA VAL A 216 -14.61 7.07 9.61
C VAL A 216 -15.27 6.72 8.28
N ILE A 217 -14.49 6.33 7.29
CA ILE A 217 -15.05 6.06 5.98
C ILE A 217 -15.94 4.82 6.04
N LYS A 218 -15.44 3.77 6.68
CA LYS A 218 -16.18 2.54 6.80
C LYS A 218 -17.53 2.78 7.50
N GLN A 219 -17.51 3.54 8.59
CA GLN A 219 -18.74 3.77 9.34
C GLN A 219 -19.72 4.56 8.49
N TYR A 220 -19.23 5.58 7.78
CA TYR A 220 -20.08 6.31 6.87
C TYR A 220 -20.76 5.38 5.84
N LEU A 221 -19.96 4.52 5.22
CA LEU A 221 -20.49 3.65 4.18
C LEU A 221 -21.52 2.68 4.73
N LEU A 222 -21.25 2.14 5.92
CA LEU A 222 -22.13 1.14 6.51
C LEU A 222 -23.42 1.75 7.07
N GLU A 223 -23.32 2.91 7.71
CA GLU A 223 -24.44 3.49 8.44
C GLU A 223 -25.18 4.57 7.65
N GLN A 224 -24.45 5.40 6.92
CA GLN A 224 -25.09 6.44 6.13
C GLN A 224 -25.50 5.98 4.75
N GLN A 225 -24.67 5.17 4.11
CA GLN A 225 -24.99 4.69 2.78
C GLN A 225 -25.52 3.26 2.76
N GLN A 226 -25.46 2.58 3.90
CA GLN A 226 -26.06 1.27 4.06
C GLN A 226 -25.55 0.23 3.06
N LEU A 227 -24.26 0.25 2.80
CA LEU A 227 -23.66 -0.76 1.96
C LEU A 227 -23.48 -2.03 2.79
N PRO A 228 -23.62 -3.20 2.17
N PRO A 228 -23.64 -3.20 2.18
CA PRO A 228 -23.28 -4.44 2.89
CA PRO A 228 -23.40 -4.40 2.99
C PRO A 228 -21.80 -4.49 3.33
C PRO A 228 -21.92 -4.53 3.29
N LEU A 229 -21.53 -5.04 4.50
N LEU A 229 -21.61 -5.13 4.43
CA LEU A 229 -20.14 -5.26 4.91
CA LEU A 229 -20.24 -5.24 4.88
C LEU A 229 -19.32 -5.97 3.82
C LEU A 229 -19.33 -6.03 3.90
N SER A 230 -19.92 -6.95 3.16
CA SER A 230 -19.21 -7.74 2.17
C SER A 230 -18.69 -6.92 1.00
N SER A 231 -19.22 -5.72 0.80
N SER A 231 -19.21 -5.72 0.82
CA SER A 231 -18.82 -4.87 -0.31
CA SER A 231 -18.83 -4.87 -0.31
C SER A 231 -17.62 -3.98 -0.01
C SER A 231 -17.56 -4.06 -0.03
N ILE A 232 -17.14 -4.03 1.22
CA ILE A 232 -16.04 -3.18 1.66
C ILE A 232 -14.78 -4.01 1.96
N SER A 233 -13.68 -3.60 1.36
CA SER A 233 -12.38 -4.16 1.64
CA SER A 233 -12.38 -4.17 1.65
C SER A 233 -11.53 -3.05 2.22
N ALA A 234 -11.45 -3.01 3.55
CA ALA A 234 -10.81 -1.92 4.28
C ALA A 234 -9.63 -2.43 5.09
N THR A 235 -8.49 -1.74 4.94
CA THR A 235 -7.27 -2.06 5.65
C THR A 235 -6.64 -0.78 6.16
N GLY A 236 -6.32 -0.76 7.45
CA GLY A 236 -5.52 0.34 7.98
C GLY A 236 -4.06 0.06 7.62
N TYR A 237 -3.49 0.86 6.72
CA TYR A 237 -2.10 0.66 6.29
C TYR A 237 -1.10 1.15 7.34
N TRP A 238 -1.50 2.13 8.14
CA TRP A 238 -0.64 2.73 9.16
C TRP A 238 -1.56 3.49 10.11
N LYS A 239 -0.99 3.97 11.23
CA LYS A 239 -1.78 4.67 12.25
C LYS A 239 -0.91 5.74 12.89
N ARG A 240 -1.46 6.94 12.98
CA ARG A 240 -0.70 8.07 13.49
C ARG A 240 -0.17 7.77 14.89
N ASN A 241 1.08 8.17 15.11
CA ASN A 241 1.73 8.10 16.42
C ASN A 241 1.80 6.68 16.98
N THR A 242 1.88 5.70 16.07
CA THR A 242 1.89 4.31 16.45
C THR A 242 2.81 3.51 15.52
N ASP A 243 3.75 2.74 16.05
CA ASP A 243 4.62 1.92 15.21
C ASP A 243 3.89 0.67 14.69
N ALA A 244 4.44 0.07 13.64
CA ALA A 244 3.78 -1.05 12.96
C ALA A 244 3.54 -2.27 13.86
N ASP A 245 4.47 -2.56 14.76
CA ASP A 245 4.27 -3.71 15.62
C ASP A 245 3.13 -3.48 16.62
N THR A 246 3.13 -2.31 17.25
CA THR A 246 2.05 -1.91 18.17
C THR A 246 0.71 -1.94 17.43
N PHE A 247 0.71 -1.36 16.23
CA PHE A 247 -0.51 -1.26 15.43
C PHE A 247 -1.02 -2.65 15.04
N GLY A 248 -0.11 -3.53 14.67
CA GLY A 248 -0.48 -4.89 14.30
C GLY A 248 -1.18 -5.59 15.45
N LYS A 249 -0.67 -5.42 16.66
CA LYS A 249 -1.27 -6.08 17.81
C LYS A 249 -2.62 -5.47 18.16
N GLN A 250 -2.75 -4.15 17.95
CA GLN A 250 -4.04 -3.50 18.15
C GLN A 250 -5.09 -4.11 17.23
N LYS A 251 -4.71 -4.31 15.96
CA LYS A 251 -5.62 -4.85 14.96
C LYS A 251 -5.97 -6.31 15.24
N GLN A 252 -5.03 -7.02 15.86
N GLN A 252 -5.05 -7.04 15.87
CA GLN A 252 -5.26 -8.40 16.28
CA GLN A 252 -5.37 -8.41 16.27
C GLN A 252 -6.31 -8.46 17.38
C GLN A 252 -6.42 -8.40 17.38
N MET A 253 -6.27 -7.48 18.29
N MET A 253 -6.29 -7.47 18.32
CA MET A 253 -7.26 -7.39 19.38
CA MET A 253 -7.24 -7.34 19.43
C MET A 253 -8.62 -6.94 18.88
C MET A 253 -8.61 -6.88 18.95
N GLN A 254 -8.61 -5.88 18.07
CA GLN A 254 -9.82 -5.26 17.58
C GLN A 254 -9.63 -4.93 16.12
N PRO A 255 -10.08 -5.82 15.22
CA PRO A 255 -9.97 -5.55 13.79
C PRO A 255 -10.69 -4.26 13.39
N LEU A 256 -10.17 -3.56 12.38
CA LEU A 256 -10.87 -2.41 11.83
C LEU A 256 -12.04 -2.89 10.98
#